data_5FSN
#
_entry.id   5FSN
#
_cell.length_a   60.360
_cell.length_b   66.217
_cell.length_c   36.223
_cell.angle_alpha   90.00
_cell.angle_beta   90.00
_cell.angle_gamma   90.00
#
_symmetry.space_group_name_H-M   'P 21 21 2'
#
loop_
_entity.id
_entity.type
_entity.pdbx_description
1 polymer '7,8-DIHYDRO-8-OXOGUANINE TRIPHOSPHATASE'
2 non-polymer 3-(2-AMINO-6-METHYL-PYRIMIDIN-4-YL)OXYPROPAN-1-OL
3 non-polymer 'ACETATE ION'
4 non-polymer 'DIMETHYL SULFOXIDE'
5 water water
#
_entity_poly.entity_id   1
_entity_poly.type   'polypeptide(L)'
_entity_poly.pdbx_seq_one_letter_code
;MGASRLYTLVLVLQPQRVLLGMKKRGFGAGRWNGFGGKVQEGETIEDGARRELQEESGLTVDALHKVGQIVFEFVGEPEL
MDVHVFCTDSIQGTPVESDEMRPCWFQLDQIPFKDMWPDDSYWFPLLLQKKKFHGYFKFQGQDTILDYTLREVDTV
;
_entity_poly.pdbx_strand_id   A
#
loop_
_chem_comp.id
_chem_comp.type
_chem_comp.name
_chem_comp.formula
6Q3 non-polymer 3-(2-AMINO-6-METHYL-PYRIMIDIN-4-YL)OXYPROPAN-1-OL 'C8 H13 N3 O2'
ACT non-polymer 'ACETATE ION' 'C2 H3 O2 -1'
DMS non-polymer 'DIMETHYL SULFOXIDE' 'C2 H6 O S'
#
# COMPACT_ATOMS: atom_id res chain seq x y z
N ALA A 3 2.60 -17.78 -11.28
CA ALA A 3 3.84 -17.43 -10.59
C ALA A 3 3.67 -16.14 -9.77
N SER A 4 2.59 -16.05 -8.96
CA SER A 4 2.39 -14.86 -8.14
C SER A 4 2.45 -15.14 -6.63
N ARG A 5 2.85 -14.12 -5.85
CA ARG A 5 2.99 -14.16 -4.39
C ARG A 5 2.09 -13.09 -3.79
N LEU A 6 1.31 -13.47 -2.75
CA LEU A 6 0.36 -12.55 -2.14
C LEU A 6 1.01 -11.53 -1.23
N TYR A 7 0.57 -10.29 -1.36
CA TYR A 7 1.01 -9.20 -0.50
C TYR A 7 -0.22 -8.39 -0.13
N THR A 8 -0.13 -7.67 0.99
CA THR A 8 -1.18 -6.75 1.41
C THR A 8 -0.56 -5.34 1.44
N LEU A 9 -1.41 -4.34 1.34
CA LEU A 9 -1.02 -2.93 1.47
C LEU A 9 -2.20 -2.21 2.07
N VAL A 10 -1.98 -1.53 3.21
CA VAL A 10 -3.03 -0.81 3.96
C VAL A 10 -2.75 0.66 3.98
N LEU A 11 -3.76 1.45 3.60
CA LEU A 11 -3.70 2.91 3.64
C LEU A 11 -4.64 3.37 4.74
N VAL A 12 -4.09 4.07 5.73
CA VAL A 12 -4.88 4.64 6.80
C VAL A 12 -5.28 6.03 6.28
N LEU A 13 -6.51 6.10 5.75
CA LEU A 13 -7.01 7.30 5.08
C LEU A 13 -8.14 7.88 5.87
N GLN A 14 -7.94 9.11 6.34
CA GLN A 14 -8.90 9.86 7.10
C GLN A 14 -9.43 11.01 6.20
N PRO A 15 -10.49 11.77 6.58
CA PRO A 15 -11.03 12.77 5.66
C PRO A 15 -10.05 13.80 5.12
N GLN A 16 -9.10 14.28 5.94
CA GLN A 16 -8.14 15.30 5.50
C GLN A 16 -6.67 14.84 5.46
N ARG A 17 -6.39 13.57 5.77
CA ARG A 17 -5.00 13.13 5.78
C ARG A 17 -4.85 11.64 5.59
N VAL A 18 -3.64 11.22 5.23
CA VAL A 18 -3.27 9.83 5.05
C VAL A 18 -1.94 9.56 5.77
N LEU A 19 -1.85 8.40 6.42
CA LEU A 19 -0.62 7.99 7.11
C LEU A 19 0.25 7.19 6.14
N LEU A 20 1.53 7.56 6.02
CA LEU A 20 2.51 6.81 5.21
C LEU A 20 3.70 6.53 6.10
N GLY A 21 4.46 5.51 5.76
CA GLY A 21 5.65 5.14 6.50
C GLY A 21 6.88 5.11 5.62
N MET A 22 7.90 5.82 6.06
CA MET A 22 9.19 5.85 5.35
C MET A 22 9.95 4.60 5.80
N LYS A 23 10.26 3.72 4.84
CA LYS A 23 10.97 2.48 5.05
C LYS A 23 12.47 2.76 5.17
N LYS A 24 13.10 2.13 6.16
CA LYS A 24 14.52 2.32 6.44
C LYS A 24 15.46 1.34 5.71
N ARG A 25 14.97 0.13 5.39
CA ARG A 25 15.74 -0.91 4.69
C ARG A 25 14.84 -1.92 3.96
N GLY A 26 15.44 -2.75 3.11
CA GLY A 26 14.67 -3.76 2.39
C GLY A 26 13.84 -3.19 1.25
N PHE A 27 12.82 -3.94 0.81
CA PHE A 27 11.95 -3.58 -0.32
C PHE A 27 11.22 -2.27 -0.05
N GLY A 28 11.44 -1.30 -0.93
CA GLY A 28 10.81 0.02 -0.80
C GLY A 28 11.54 0.99 0.11
N ALA A 29 12.80 0.66 0.51
CA ALA A 29 13.62 1.54 1.37
C ALA A 29 13.78 2.91 0.74
N GLY A 30 13.71 3.94 1.57
CA GLY A 30 13.85 5.32 1.13
C GLY A 30 12.60 5.89 0.50
N ARG A 31 11.48 5.13 0.51
CA ARG A 31 10.24 5.65 -0.06
C ARG A 31 9.14 5.63 0.99
N TRP A 32 8.17 6.57 0.86
CA TRP A 32 6.97 6.58 1.73
C TRP A 32 6.04 5.55 1.11
N ASN A 33 5.52 4.68 1.95
CA ASN A 33 4.67 3.56 1.53
C ASN A 33 3.50 3.42 2.52
N GLY A 34 2.47 2.67 2.10
CA GLY A 34 1.42 2.18 2.99
C GLY A 34 2.05 1.04 3.79
N PHE A 35 1.26 0.35 4.61
CA PHE A 35 1.79 -0.70 5.49
C PHE A 35 1.38 -2.05 4.99
N GLY A 36 2.33 -2.96 4.86
CA GLY A 36 1.98 -4.27 4.33
C GLY A 36 3.15 -5.22 4.17
N GLY A 37 2.86 -6.34 3.55
CA GLY A 37 3.84 -7.39 3.35
C GLY A 37 3.22 -8.70 2.93
N LYS A 38 4.01 -9.76 3.06
CA LYS A 38 3.62 -11.10 2.64
C LYS A 38 2.51 -11.67 3.51
N VAL A 39 1.63 -12.46 2.90
CA VAL A 39 0.54 -13.13 3.64
C VAL A 39 1.12 -14.49 4.06
N GLN A 40 0.85 -14.92 5.32
CA GLN A 40 1.39 -16.16 5.82
C GLN A 40 0.53 -17.38 5.49
N GLU A 41 1.13 -18.57 5.61
CA GLU A 41 0.44 -19.84 5.44
C GLU A 41 -0.73 -19.93 6.44
N GLY A 42 -1.90 -20.36 5.98
CA GLY A 42 -3.09 -20.47 6.82
C GLY A 42 -3.67 -19.16 7.32
N GLU A 43 -3.27 -18.03 6.73
CA GLU A 43 -3.76 -16.73 7.14
C GLU A 43 -4.58 -16.15 5.98
N THR A 44 -5.73 -15.52 6.26
CA THR A 44 -6.52 -14.89 5.19
C THR A 44 -5.80 -13.60 4.81
N ILE A 45 -6.08 -13.10 3.60
CA ILE A 45 -5.49 -11.85 3.10
C ILE A 45 -5.81 -10.68 4.07
N GLU A 46 -7.10 -10.58 4.50
CA GLU A 46 -7.52 -9.55 5.45
C GLU A 46 -6.78 -9.64 6.79
N ASP A 47 -6.61 -10.87 7.34
CA ASP A 47 -5.87 -11.00 8.60
C ASP A 47 -4.41 -10.60 8.43
N GLY A 48 -3.85 -10.91 7.26
CA GLY A 48 -2.48 -10.53 6.92
C GLY A 48 -2.33 -9.03 6.90
N ALA A 49 -3.32 -8.35 6.31
CA ALA A 49 -3.36 -6.88 6.21
C ALA A 49 -3.42 -6.25 7.60
N ARG A 50 -4.26 -6.81 8.50
CA ARG A 50 -4.42 -6.30 9.87
C ARG A 50 -3.11 -6.51 10.63
N ARG A 51 -2.50 -7.72 10.48
CA ARG A 51 -1.24 -8.05 11.14
C ARG A 51 -0.13 -7.10 10.71
N GLU A 52 0.06 -6.92 9.38
CA GLU A 52 1.10 -6.01 8.84
C GLU A 52 0.93 -4.58 9.31
N LEU A 53 -0.32 -4.05 9.30
CA LEU A 53 -0.55 -2.71 9.78
C LEU A 53 -0.01 -2.56 11.24
N GLN A 54 -0.31 -3.51 12.15
CA GLN A 54 0.18 -3.46 13.53
C GLN A 54 1.70 -3.59 13.62
N GLU A 55 2.28 -4.59 12.97
CA GLU A 55 3.73 -4.82 12.99
C GLU A 55 4.52 -3.61 12.52
N GLU A 56 4.04 -2.97 11.44
CA GLU A 56 4.77 -1.87 10.82
C GLU A 56 4.47 -0.46 11.34
N SER A 57 3.22 -0.21 11.78
CA SER A 57 2.82 1.12 12.25
C SER A 57 2.43 1.19 13.73
N GLY A 58 2.20 0.05 14.38
CA GLY A 58 1.77 0.02 15.78
C GLY A 58 0.28 0.27 15.96
N LEU A 59 -0.45 0.50 14.85
CA LEU A 59 -1.89 0.78 14.94
C LEU A 59 -2.72 -0.48 14.90
N THR A 60 -3.85 -0.43 15.60
CA THR A 60 -4.84 -1.51 15.59
C THR A 60 -6.01 -1.08 14.70
N VAL A 61 -6.26 -1.87 13.64
CA VAL A 61 -7.37 -1.59 12.71
C VAL A 61 -8.63 -2.34 13.12
N ASP A 62 -9.76 -1.65 13.08
CA ASP A 62 -11.04 -2.24 13.43
C ASP A 62 -11.74 -2.70 12.15
N ALA A 63 -12.18 -1.76 11.33
CA ALA A 63 -12.82 -2.09 10.06
C ALA A 63 -11.84 -1.84 8.90
N LEU A 64 -11.61 -2.87 8.05
CA LEU A 64 -10.75 -2.78 6.83
C LEU A 64 -11.69 -2.89 5.63
N HIS A 65 -11.43 -2.11 4.60
CA HIS A 65 -12.19 -2.17 3.36
C HIS A 65 -11.23 -2.47 2.19
N LYS A 66 -11.57 -3.49 1.41
CA LYS A 66 -10.83 -3.85 0.21
C LYS A 66 -11.08 -2.75 -0.86
N VAL A 67 -9.99 -2.13 -1.34
CA VAL A 67 -10.09 -1.07 -2.33
C VAL A 67 -9.44 -1.41 -3.67
N GLY A 68 -8.48 -2.31 -3.70
CA GLY A 68 -7.88 -2.62 -4.99
C GLY A 68 -7.06 -3.89 -5.03
N GLN A 69 -6.69 -4.29 -6.24
CA GLN A 69 -5.76 -5.38 -6.45
C GLN A 69 -4.79 -4.92 -7.54
N ILE A 70 -3.48 -4.96 -7.25
CA ILE A 70 -2.50 -4.54 -8.25
C ILE A 70 -1.47 -5.63 -8.37
N VAL A 71 -1.18 -6.03 -9.61
CA VAL A 71 -0.12 -7.00 -9.86
C VAL A 71 1.12 -6.24 -10.33
N PHE A 72 2.26 -6.48 -9.67
CA PHE A 72 3.52 -5.86 -10.09
C PHE A 72 4.44 -6.89 -10.69
N GLU A 73 5.01 -6.52 -11.82
CA GLU A 73 6.01 -7.33 -12.47
C GLU A 73 7.32 -6.53 -12.51
N PHE A 74 8.44 -7.18 -12.17
CA PHE A 74 9.77 -6.57 -12.32
C PHE A 74 10.43 -7.41 -13.38
N VAL A 75 10.71 -6.83 -14.54
CA VAL A 75 11.32 -7.58 -15.65
C VAL A 75 12.59 -8.32 -15.19
N GLY A 76 12.68 -9.60 -15.53
CA GLY A 76 13.80 -10.43 -15.11
C GLY A 76 13.57 -11.13 -13.78
N GLU A 77 12.52 -10.74 -13.02
CA GLU A 77 12.20 -11.36 -11.73
C GLU A 77 11.00 -12.29 -11.94
N PRO A 78 11.15 -13.59 -11.64
CA PRO A 78 10.06 -14.55 -11.95
C PRO A 78 8.74 -14.31 -11.21
N GLU A 79 8.83 -13.92 -9.93
CA GLU A 79 7.68 -13.75 -9.07
C GLU A 79 6.92 -12.46 -9.31
N LEU A 80 5.63 -12.57 -9.62
CA LEU A 80 4.76 -11.39 -9.70
C LEU A 80 4.27 -11.10 -8.28
N MET A 81 4.10 -9.81 -7.94
CA MET A 81 3.56 -9.43 -6.64
C MET A 81 2.08 -9.20 -6.81
N ASP A 82 1.26 -9.99 -6.13
CA ASP A 82 -0.19 -9.81 -6.22
C ASP A 82 -0.60 -9.03 -4.97
N VAL A 83 -0.72 -7.70 -5.11
CA VAL A 83 -0.96 -6.83 -3.96
C VAL A 83 -2.44 -6.52 -3.77
N HIS A 84 -2.95 -6.88 -2.60
CA HIS A 84 -4.33 -6.65 -2.22
C HIS A 84 -4.32 -5.42 -1.36
N VAL A 85 -4.96 -4.35 -1.87
CA VAL A 85 -4.95 -3.01 -1.28
C VAL A 85 -6.19 -2.79 -0.43
N PHE A 86 -5.97 -2.30 0.78
CA PHE A 86 -7.02 -2.03 1.75
C PHE A 86 -6.96 -0.63 2.28
N CYS A 87 -8.12 -0.12 2.72
CA CYS A 87 -8.26 1.21 3.29
CA CYS A 87 -8.29 1.22 3.29
CA CYS A 87 -8.16 1.19 3.35
C CYS A 87 -8.98 1.16 4.63
N THR A 88 -8.66 2.10 5.54
CA THR A 88 -9.34 2.21 6.82
C THR A 88 -9.37 3.67 7.26
N ASP A 89 -10.40 4.06 8.02
CA ASP A 89 -10.47 5.37 8.64
C ASP A 89 -10.62 5.17 10.17
N SER A 90 -10.97 3.92 10.59
CA SER A 90 -11.18 3.46 11.98
C SER A 90 -9.99 2.69 12.51
N ILE A 91 -9.16 3.37 13.28
CA ILE A 91 -7.94 2.84 13.89
C ILE A 91 -7.91 3.16 15.37
N GLN A 92 -7.03 2.47 16.11
CA GLN A 92 -6.76 2.68 17.54
C GLN A 92 -5.26 2.73 17.74
N GLY A 93 -4.83 3.56 18.67
CA GLY A 93 -3.41 3.75 18.98
C GLY A 93 -2.81 4.91 18.22
N THR A 94 -1.53 5.14 18.45
CA THR A 94 -0.76 6.22 17.81
C THR A 94 0.35 5.55 17.00
N PRO A 95 0.68 6.05 15.79
CA PRO A 95 1.73 5.39 14.98
C PRO A 95 3.06 5.39 15.73
N VAL A 96 3.75 4.26 15.69
CA VAL A 96 5.00 4.01 16.41
C VAL A 96 6.15 4.08 15.42
N GLU A 97 7.17 4.92 15.69
CA GLU A 97 8.36 4.94 14.85
C GLU A 97 9.29 3.84 15.35
N SER A 98 9.73 2.98 14.44
CA SER A 98 10.63 1.91 14.84
C SER A 98 11.90 2.06 14.04
N ASP A 99 12.89 1.18 14.28
CA ASP A 99 14.09 1.22 13.47
C ASP A 99 13.80 0.85 12.01
N GLU A 100 12.68 0.18 11.72
CA GLU A 100 12.31 -0.23 10.37
C GLU A 100 11.44 0.78 9.61
N MET A 101 10.66 1.59 10.34
CA MET A 101 9.65 2.46 9.73
C MET A 101 9.47 3.78 10.46
N ARG A 102 9.42 4.87 9.69
CA ARG A 102 9.17 6.22 10.22
C ARG A 102 7.78 6.71 9.71
N PRO A 103 6.71 6.60 10.52
CA PRO A 103 5.39 7.06 10.05
C PRO A 103 5.21 8.58 10.15
N CYS A 104 4.40 9.12 9.23
CA CYS A 104 4.04 10.53 9.17
CA CYS A 104 4.07 10.56 9.16
C CYS A 104 2.69 10.72 8.52
N TRP A 105 1.90 11.67 9.03
CA TRP A 105 0.60 12.02 8.48
C TRP A 105 0.87 13.05 7.38
N PHE A 106 0.18 12.90 6.22
CA PHE A 106 0.26 13.84 5.12
C PHE A 106 -1.11 14.37 4.81
N GLN A 107 -1.22 15.70 4.63
CA GLN A 107 -2.46 16.32 4.15
C GLN A 107 -2.69 15.80 2.74
N LEU A 108 -3.95 15.67 2.30
CA LEU A 108 -4.23 15.09 0.99
C LEU A 108 -3.63 15.86 -0.20
N ASP A 109 -3.47 17.19 -0.09
CA ASP A 109 -2.88 18.02 -1.14
C ASP A 109 -1.35 17.97 -1.11
N GLN A 110 -0.78 17.29 -0.10
CA GLN A 110 0.66 17.23 0.13
C GLN A 110 1.26 15.80 0.11
N ILE A 111 0.58 14.85 -0.58
CA ILE A 111 1.06 13.46 -0.73
CA ILE A 111 1.09 13.48 -0.67
C ILE A 111 2.43 13.52 -1.43
N PRO A 112 3.51 12.91 -0.85
CA PRO A 112 4.84 13.00 -1.47
C PRO A 112 5.14 12.05 -2.64
N PHE A 113 4.40 12.20 -3.73
CA PHE A 113 4.53 11.33 -4.91
C PHE A 113 5.95 11.14 -5.44
N LYS A 114 6.77 12.20 -5.43
CA LYS A 114 8.15 12.12 -5.91
C LYS A 114 9.01 11.16 -5.07
N ASP A 115 8.61 10.94 -3.79
CA ASP A 115 9.33 10.09 -2.84
C ASP A 115 8.53 8.82 -2.53
N MET A 116 7.69 8.39 -3.47
CA MET A 116 6.89 7.17 -3.31
C MET A 116 7.13 6.30 -4.53
N TRP A 117 6.67 5.03 -4.50
CA TRP A 117 6.77 4.19 -5.68
C TRP A 117 6.08 4.93 -6.84
N PRO A 118 6.65 4.91 -8.07
CA PRO A 118 6.04 5.66 -9.19
C PRO A 118 4.58 5.30 -9.51
N ASP A 119 4.20 4.00 -9.29
CA ASP A 119 2.83 3.55 -9.59
C ASP A 119 1.78 4.28 -8.74
N ASP A 120 2.16 4.71 -7.55
CA ASP A 120 1.23 5.40 -6.63
C ASP A 120 0.54 6.63 -7.27
N SER A 121 1.28 7.41 -8.08
CA SER A 121 0.74 8.61 -8.75
C SER A 121 -0.47 8.27 -9.62
N TYR A 122 -0.54 6.98 -10.10
CA TYR A 122 -1.62 6.48 -10.97
C TYR A 122 -2.89 6.09 -10.21
N TRP A 123 -2.76 5.30 -9.10
CA TRP A 123 -3.95 4.76 -8.41
C TRP A 123 -4.34 5.53 -7.13
N PHE A 124 -3.42 6.27 -6.52
CA PHE A 124 -3.79 7.08 -5.34
C PHE A 124 -4.94 8.05 -5.70
N PRO A 125 -4.98 8.73 -6.87
CA PRO A 125 -6.14 9.61 -7.16
C PRO A 125 -7.48 8.86 -7.11
N LEU A 126 -7.48 7.56 -7.47
CA LEU A 126 -8.70 6.75 -7.39
C LEU A 126 -9.03 6.43 -5.95
N LEU A 127 -8.01 6.07 -5.19
CA LEU A 127 -8.11 5.74 -3.78
C LEU A 127 -8.73 6.95 -3.04
N LEU A 128 -8.26 8.17 -3.33
CA LEU A 128 -8.73 9.41 -2.68
C LEU A 128 -10.19 9.73 -2.99
N GLN A 129 -10.67 9.30 -4.16
CA GLN A 129 -12.04 9.53 -4.57
C GLN A 129 -12.97 8.34 -4.27
N LYS A 130 -12.53 7.43 -3.37
CA LYS A 130 -13.30 6.26 -2.90
C LYS A 130 -13.64 5.28 -4.02
N LYS A 131 -12.76 5.18 -5.05
CA LYS A 131 -12.97 4.26 -6.14
C LYS A 131 -12.21 2.97 -5.89
N LYS A 132 -12.68 1.86 -6.48
CA LYS A 132 -12.01 0.58 -6.36
C LYS A 132 -11.34 0.30 -7.69
N PHE A 133 -10.23 -0.46 -7.71
CA PHE A 133 -9.50 -0.64 -8.96
C PHE A 133 -8.76 -1.95 -9.07
N HIS A 134 -8.44 -2.33 -10.33
CA HIS A 134 -7.61 -3.45 -10.67
C HIS A 134 -6.50 -2.86 -11.50
N GLY A 135 -5.27 -3.17 -11.13
CA GLY A 135 -4.11 -2.62 -11.84
C GLY A 135 -3.03 -3.65 -12.10
N TYR A 136 -2.16 -3.33 -13.06
CA TYR A 136 -1.01 -4.17 -13.39
C TYR A 136 0.06 -3.18 -13.79
N PHE A 137 1.28 -3.29 -13.22
CA PHE A 137 2.40 -2.41 -13.58
C PHE A 137 3.65 -3.22 -13.86
N LYS A 138 4.22 -3.03 -15.04
CA LYS A 138 5.48 -3.66 -15.46
C LYS A 138 6.63 -2.68 -15.25
N PHE A 139 7.52 -3.01 -14.32
CA PHE A 139 8.68 -2.20 -13.98
C PHE A 139 9.97 -2.75 -14.57
N GLN A 140 10.92 -1.85 -14.85
CA GLN A 140 12.29 -2.20 -15.22
C GLN A 140 13.12 -1.49 -14.15
N GLY A 141 13.58 -2.27 -13.18
CA GLY A 141 14.25 -1.71 -12.01
C GLY A 141 13.18 -1.17 -11.08
N GLN A 142 13.55 -0.25 -10.21
CA GLN A 142 12.59 0.28 -9.25
C GLN A 142 12.01 1.64 -9.60
N ASP A 143 12.45 2.25 -10.69
CA ASP A 143 12.03 3.61 -10.98
C ASP A 143 11.32 3.81 -12.27
N THR A 144 11.31 2.79 -13.15
CA THR A 144 10.72 2.96 -14.48
C THR A 144 9.55 2.06 -14.71
N ILE A 145 8.41 2.66 -15.11
CA ILE A 145 7.22 1.89 -15.48
C ILE A 145 7.28 1.75 -16.99
N LEU A 146 7.47 0.51 -17.49
CA LEU A 146 7.48 0.24 -18.93
C LEU A 146 6.09 0.33 -19.52
N ASP A 147 5.08 -0.22 -18.82
CA ASP A 147 3.67 -0.19 -19.24
C ASP A 147 2.80 -0.59 -18.09
N TYR A 148 1.51 -0.33 -18.20
CA TYR A 148 0.58 -0.63 -17.12
C TYR A 148 -0.81 -0.66 -17.66
N THR A 149 -1.72 -1.19 -16.85
CA THR A 149 -3.17 -1.15 -17.07
C THR A 149 -3.77 -0.77 -15.72
N LEU A 150 -4.84 -0.01 -15.75
CA LEU A 150 -5.53 0.40 -14.52
C LEU A 150 -6.97 0.70 -14.87
N ARG A 151 -7.87 -0.04 -14.23
CA ARG A 151 -9.31 0.03 -14.48
C ARG A 151 -10.06 0.13 -13.17
N GLU A 152 -11.15 0.93 -13.17
CA GLU A 152 -12.03 1.02 -11.99
C GLU A 152 -12.94 -0.18 -12.03
N VAL A 153 -13.26 -0.71 -10.86
CA VAL A 153 -14.12 -1.88 -10.73
C VAL A 153 -15.21 -1.64 -9.65
N ASP A 154 -16.28 -2.44 -9.71
CA ASP A 154 -17.33 -2.39 -8.68
C ASP A 154 -16.96 -3.34 -7.55
N THR A 155 -16.32 -4.47 -7.88
CA THR A 155 -15.84 -5.43 -6.88
C THR A 155 -14.38 -5.74 -7.07
N VAL A 156 -13.66 -5.66 -5.98
CA VAL A 156 -12.23 -5.96 -6.01
C VAL A 156 -12.04 -7.48 -6.14
N3 6Q3 B . 3.85 -1.16 -3.58
C2 6Q3 B . 3.95 -0.17 -4.49
N2 6Q3 B . 3.32 0.98 -4.23
N1 6Q3 B . 4.62 -0.25 -5.66
C6 6Q3 B . 5.25 -1.41 -5.91
C7 6Q3 B . 6.00 -1.49 -7.20
C4 6Q3 B . 4.47 -2.29 -3.87
C5 6Q3 B . 5.20 -2.48 -5.04
O1' 6Q3 B . 4.63 -4.37 0.91
C1' 6Q3 B . 3.39 -4.49 0.28
C2' 6Q3 B . 3.67 -4.60 -1.17
C3' 6Q3 B . 3.70 -3.23 -1.81
O3' 6Q3 B . 4.44 -3.35 -3.03
C ACT C . 2.10 2.61 -1.28
O ACT C . 1.84 2.30 -2.46
OXT ACT C . 2.83 1.96 -0.54
CH3 ACT C . 1.43 3.90 -0.73
S DMS D . -4.97 1.67 -18.78
O DMS D . -5.36 2.88 -18.02
C1 DMS D . -3.54 2.19 -19.70
C2 DMS D . -6.11 1.55 -20.09
#